data_5I7C
#
_entry.id   5I7C
#
_cell.length_a   49.220
_cell.length_b   49.220
_cell.length_c   211.230
_cell.angle_alpha   90.00
_cell.angle_beta   90.00
_cell.angle_gamma   120.00
#
_symmetry.space_group_name_H-M   'P 61'
#
loop_
_entity.id
_entity.type
_entity.pdbx_description
1 polymer Centrosomin
2 non-polymer 'ZINC ION'
#
_entity_poly.entity_id   1
_entity_poly.type   'polypeptide(L)'
_entity_poly.pdbx_seq_one_letter_code
;GGSHDCAKVDLENAELRRKLIRTKRAFEDTYEKLRMANKAKAQVEKDIKNQILKTHNVLRNVRSNMENEL
;
_entity_poly.pdbx_strand_id   A,B,C,D
#
# COMPACT_ATOMS: atom_id res chain seq x y z
N HIS A 4 -11.17 -41.36 28.86
CA HIS A 4 -10.54 -40.91 27.63
C HIS A 4 -11.38 -41.36 26.43
N ASP A 5 -11.52 -40.48 25.43
CA ASP A 5 -12.22 -40.83 24.20
C ASP A 5 -11.21 -40.87 23.05
N CYS A 6 -10.84 -42.08 22.64
CA CYS A 6 -9.80 -42.26 21.64
C CYS A 6 -10.23 -41.71 20.28
N ALA A 7 -11.51 -41.84 19.97
CA ALA A 7 -12.05 -41.32 18.73
C ALA A 7 -12.06 -39.79 18.73
N LYS A 8 -12.45 -39.20 19.85
CA LYS A 8 -12.57 -37.76 19.97
C LYS A 8 -11.22 -37.06 20.03
N VAL A 9 -10.26 -37.66 20.73
CA VAL A 9 -8.94 -37.05 20.88
C VAL A 9 -8.18 -37.07 19.57
N ASP A 10 -8.37 -38.12 18.78
CA ASP A 10 -7.76 -38.19 17.46
C ASP A 10 -8.43 -37.18 16.54
N LEU A 11 -9.75 -37.05 16.70
CA LEU A 11 -10.52 -36.10 15.92
C LEU A 11 -10.23 -34.66 16.31
N GLU A 12 -10.04 -34.42 17.61
CA GLU A 12 -9.72 -33.08 18.09
C GLU A 12 -8.33 -32.66 17.63
N ASN A 13 -7.38 -33.60 17.69
CA ASN A 13 -6.02 -33.32 17.22
C ASN A 13 -5.99 -33.04 15.73
N ALA A 14 -6.84 -33.75 14.98
CA ALA A 14 -6.98 -33.52 13.56
C ALA A 14 -7.62 -32.16 13.32
N GLU A 15 -8.52 -31.77 14.22
CA GLU A 15 -9.18 -30.48 14.12
C GLU A 15 -8.23 -29.33 14.47
N LEU A 16 -7.41 -29.54 15.49
CA LEU A 16 -6.44 -28.54 15.92
C LEU A 16 -5.34 -28.34 14.88
N ARG A 17 -4.81 -29.46 14.38
CA ARG A 17 -3.75 -29.41 13.38
C ARG A 17 -4.23 -28.76 12.09
N ARG A 18 -5.43 -29.13 11.66
CA ARG A 18 -6.01 -28.56 10.45
C ARG A 18 -6.17 -27.06 10.60
N LYS A 19 -6.77 -26.63 11.70
CA LYS A 19 -7.00 -25.22 11.97
C LYS A 19 -5.71 -24.44 12.20
N LEU A 20 -4.71 -25.10 12.79
CA LEU A 20 -3.41 -24.47 13.03
C LEU A 20 -2.73 -24.13 11.70
N ILE A 21 -2.99 -24.96 10.68
CA ILE A 21 -2.44 -24.73 9.36
C ILE A 21 -3.21 -23.60 8.69
N ARG A 22 -4.51 -23.58 8.91
CA ARG A 22 -5.38 -22.56 8.36
C ARG A 22 -4.94 -21.17 8.86
N THR A 23 -4.51 -21.13 10.11
CA THR A 23 -4.08 -19.89 10.73
C THR A 23 -2.79 -19.33 10.12
N LYS A 24 -1.80 -20.18 9.90
CA LYS A 24 -0.52 -19.73 9.36
C LYS A 24 -0.62 -19.21 7.92
N ARG A 25 -1.38 -19.92 7.09
CA ARG A 25 -1.54 -19.55 5.69
C ARG A 25 -2.31 -18.25 5.54
N ALA A 26 -3.20 -17.98 6.49
CA ALA A 26 -3.94 -16.72 6.51
C ALA A 26 -2.97 -15.55 6.73
N PHE A 27 -1.99 -15.76 7.60
CA PHE A 27 -0.99 -14.73 7.88
C PHE A 27 -0.04 -14.52 6.69
N GLU A 28 0.40 -15.61 6.09
CA GLU A 28 1.28 -15.54 4.91
C GLU A 28 0.63 -14.73 3.81
N ASP A 29 -0.66 -14.98 3.56
CA ASP A 29 -1.43 -14.22 2.59
C ASP A 29 -1.40 -12.73 2.93
N THR A 30 -1.65 -12.43 4.20
CA THR A 30 -1.64 -11.05 4.70
C THR A 30 -0.25 -10.43 4.54
N TYR A 31 0.78 -11.18 4.94
CA TYR A 31 2.16 -10.74 4.83
C TYR A 31 2.49 -10.34 3.39
N GLU A 32 2.14 -11.21 2.45
CA GLU A 32 2.38 -10.95 1.03
C GLU A 32 1.55 -9.76 0.57
N LYS A 33 0.33 -9.67 1.09
CA LYS A 33 -0.59 -8.58 0.76
C LYS A 33 -0.03 -7.25 1.20
N LEU A 34 0.53 -7.21 2.41
CA LEU A 34 1.16 -6.02 2.93
C LEU A 34 2.44 -5.73 2.14
N ARG A 35 3.16 -6.81 1.82
CA ARG A 35 4.39 -6.72 1.05
C ARG A 35 4.13 -6.09 -0.32
N MET A 36 3.04 -6.48 -0.95
CA MET A 36 2.65 -5.93 -2.25
C MET A 36 2.24 -4.47 -2.13
N ALA A 37 1.57 -4.13 -1.04
CA ALA A 37 1.08 -2.78 -0.80
C ALA A 37 2.22 -1.80 -0.57
N ASN A 38 3.20 -2.18 0.25
CA ASN A 38 4.33 -1.32 0.54
C ASN A 38 5.20 -1.05 -0.68
N LYS A 39 5.42 -2.08 -1.49
CA LYS A 39 6.23 -1.93 -2.71
C LYS A 39 5.49 -1.05 -3.71
N ALA A 40 4.17 -1.03 -3.60
CA ALA A 40 3.33 -0.23 -4.48
C ALA A 40 3.50 1.26 -4.20
N LYS A 41 3.59 1.63 -2.92
CA LYS A 41 3.72 3.03 -2.56
C LYS A 41 5.16 3.48 -2.78
N ALA A 42 6.07 2.52 -2.84
CA ALA A 42 7.48 2.80 -3.09
C ALA A 42 7.64 3.31 -4.51
N GLN A 43 6.89 2.68 -5.40
CA GLN A 43 6.91 2.98 -6.83
C GLN A 43 6.34 4.38 -7.09
N VAL A 44 5.35 4.75 -6.29
CA VAL A 44 4.65 6.03 -6.45
C VAL A 44 5.59 7.23 -6.37
N GLU A 45 6.52 7.20 -5.42
CA GLU A 45 7.47 8.28 -5.26
C GLU A 45 8.34 8.42 -6.50
N LYS A 46 8.69 7.28 -7.10
CA LYS A 46 9.51 7.25 -8.30
C LYS A 46 8.73 7.63 -9.56
N ASP A 47 7.45 7.25 -9.61
CA ASP A 47 6.60 7.57 -10.75
C ASP A 47 6.42 9.07 -10.93
N ILE A 48 6.24 9.79 -9.83
CA ILE A 48 6.11 11.23 -9.87
C ILE A 48 7.43 11.86 -10.32
N LYS A 49 8.53 11.36 -9.78
CA LYS A 49 9.85 11.83 -10.17
C LYS A 49 10.09 11.61 -11.66
N ASN A 50 9.58 10.50 -12.17
CA ASN A 50 9.67 10.18 -13.59
C ASN A 50 8.84 11.14 -14.43
N GLN A 51 7.63 11.42 -13.95
CA GLN A 51 6.72 12.32 -14.64
C GLN A 51 7.29 13.73 -14.77
N ILE A 52 8.00 14.18 -13.72
CA ILE A 52 8.67 15.47 -13.75
C ILE A 52 9.72 15.52 -14.86
N LEU A 53 10.47 14.43 -15.00
CA LEU A 53 11.50 14.35 -16.03
C LEU A 53 10.92 14.43 -17.43
N LYS A 54 9.84 13.68 -17.66
CA LYS A 54 9.14 13.72 -18.95
C LYS A 54 8.67 15.12 -19.28
N THR A 55 7.94 15.73 -18.33
CA THR A 55 7.42 17.09 -18.52
C THR A 55 8.54 18.08 -18.78
N HIS A 56 9.65 17.93 -18.06
CA HIS A 56 10.82 18.76 -18.27
C HIS A 56 11.38 18.59 -19.68
N ASN A 57 11.47 17.35 -20.13
CA ASN A 57 11.97 17.05 -21.46
C ASN A 57 11.04 17.57 -22.55
N VAL A 58 9.74 17.54 -22.28
CA VAL A 58 8.76 18.06 -23.23
C VAL A 58 8.95 19.55 -23.41
N LEU A 59 9.15 20.26 -22.30
CA LEU A 59 9.30 21.71 -22.36
C LEU A 59 10.70 22.10 -22.81
N ARG A 60 11.61 21.13 -22.86
CA ARG A 60 12.95 21.40 -23.36
C ARG A 60 12.88 21.56 -24.87
N ASN A 61 11.98 20.82 -25.49
CA ASN A 61 11.84 20.86 -26.94
C ASN A 61 11.14 22.13 -27.35
N VAL A 62 11.91 23.22 -27.43
CA VAL A 62 11.38 24.52 -27.82
C VAL A 62 12.37 25.28 -28.68
N HIS B 4 -4.23 -46.33 19.24
CA HIS B 4 -3.11 -45.41 19.20
C HIS B 4 -2.32 -45.42 20.52
N ASP B 5 -1.55 -44.37 20.74
CA ASP B 5 -0.83 -44.19 22.00
C ASP B 5 -1.48 -43.06 22.78
N CYS B 6 -2.24 -43.42 23.81
CA CYS B 6 -3.02 -42.46 24.57
C CYS B 6 -2.13 -41.45 25.29
N ALA B 7 -0.98 -41.92 25.75
CA ALA B 7 -0.02 -41.04 26.42
C ALA B 7 0.57 -40.04 25.44
N LYS B 8 0.92 -40.51 24.26
CA LYS B 8 1.58 -39.67 23.26
C LYS B 8 0.60 -38.69 22.61
N VAL B 9 -0.63 -39.14 22.35
CA VAL B 9 -1.63 -38.32 21.67
C VAL B 9 -2.13 -37.18 22.57
N ASP B 10 -2.25 -37.46 23.87
CA ASP B 10 -2.65 -36.43 24.83
C ASP B 10 -1.58 -35.36 24.99
N LEU B 11 -0.32 -35.79 24.97
CA LEU B 11 0.81 -34.87 25.08
C LEU B 11 0.89 -33.99 23.83
N GLU B 12 0.59 -34.58 22.68
CA GLU B 12 0.55 -33.85 21.42
C GLU B 12 -0.57 -32.84 21.44
N ASN B 13 -1.71 -33.24 22.01
CA ASN B 13 -2.87 -32.36 22.14
C ASN B 13 -2.58 -31.15 23.01
N ALA B 14 -1.79 -31.34 24.06
CA ALA B 14 -1.38 -30.25 24.92
C ALA B 14 -0.42 -29.34 24.17
N GLU B 15 0.37 -29.91 23.27
CA GLU B 15 1.31 -29.16 22.44
C GLU B 15 0.58 -28.34 21.39
N LEU B 16 -0.48 -28.90 20.83
CA LEU B 16 -1.25 -28.21 19.81
C LEU B 16 -1.94 -26.97 20.38
N ARG B 17 -2.54 -27.12 21.56
CA ARG B 17 -3.17 -25.99 22.23
C ARG B 17 -2.13 -24.95 22.59
N ARG B 18 -0.97 -25.40 23.08
CA ARG B 18 0.13 -24.52 23.44
C ARG B 18 0.57 -23.67 22.26
N LYS B 19 0.78 -24.32 21.11
CA LYS B 19 1.23 -23.62 19.91
C LYS B 19 0.16 -22.66 19.41
N LEU B 20 -1.10 -23.03 19.59
CA LEU B 20 -2.22 -22.18 19.21
C LEU B 20 -2.28 -20.92 20.06
N ILE B 21 -1.82 -21.00 21.31
CA ILE B 21 -1.80 -19.85 22.20
C ILE B 21 -0.70 -18.87 21.80
N ARG B 22 0.47 -19.41 21.43
CA ARG B 22 1.59 -18.57 21.01
C ARG B 22 1.27 -17.76 19.76
N THR B 23 0.54 -18.37 18.83
CA THR B 23 0.18 -17.71 17.59
C THR B 23 -0.82 -16.59 17.84
N LYS B 24 -1.78 -16.86 18.71
CA LYS B 24 -2.81 -15.88 19.06
C LYS B 24 -2.15 -14.69 19.75
N ARG B 25 -1.23 -14.98 20.67
CA ARG B 25 -0.52 -13.92 21.38
C ARG B 25 0.42 -13.19 20.44
N ALA B 26 0.94 -13.91 19.44
CA ALA B 26 1.79 -13.31 18.41
C ALA B 26 0.99 -12.29 17.60
N PHE B 27 -0.26 -12.64 17.29
CA PHE B 27 -1.14 -11.75 16.53
C PHE B 27 -1.52 -10.55 17.37
N GLU B 28 -1.89 -10.80 18.62
CA GLU B 28 -2.24 -9.75 19.57
C GLU B 28 -1.10 -8.76 19.74
N ASP B 29 0.11 -9.29 19.90
CA ASP B 29 1.31 -8.46 20.00
C ASP B 29 1.48 -7.57 18.77
N THR B 30 1.34 -8.16 17.60
CA THR B 30 1.45 -7.43 16.34
C THR B 30 0.35 -6.39 16.18
N TYR B 31 -0.90 -6.81 16.39
CA TYR B 31 -2.05 -5.91 16.26
C TYR B 31 -1.94 -4.69 17.17
N GLU B 32 -1.61 -4.92 18.43
CA GLU B 32 -1.48 -3.82 19.40
C GLU B 32 -0.35 -2.89 19.04
N LYS B 33 0.78 -3.45 18.59
CA LYS B 33 1.92 -2.66 18.17
C LYS B 33 1.58 -1.86 16.92
N LEU B 34 0.89 -2.51 15.99
CA LEU B 34 0.46 -1.89 14.74
C LEU B 34 -0.59 -0.81 14.96
N ARG B 35 -1.52 -1.06 15.88
CA ARG B 35 -2.58 -0.11 16.20
C ARG B 35 -2.03 1.22 16.70
N MET B 36 -1.06 1.17 17.60
CA MET B 36 -0.40 2.37 18.12
C MET B 36 0.51 3.03 17.08
N ALA B 37 1.16 2.20 16.26
CA ALA B 37 2.08 2.69 15.25
C ALA B 37 1.36 3.49 14.17
N ASN B 38 0.20 2.99 13.76
CA ASN B 38 -0.61 3.68 12.75
C ASN B 38 -1.07 5.04 13.24
N LYS B 39 -1.40 5.13 14.53
CA LYS B 39 -1.87 6.38 15.12
C LYS B 39 -0.79 7.45 15.12
N ALA B 40 0.47 7.02 15.21
CA ALA B 40 1.59 7.96 15.20
C ALA B 40 1.83 8.54 13.81
N LYS B 41 1.78 7.68 12.81
CA LYS B 41 2.02 8.08 11.42
C LYS B 41 0.78 8.68 10.76
N ALA B 42 -0.34 8.60 11.46
CA ALA B 42 -1.63 9.03 10.92
C ALA B 42 -1.67 10.49 10.48
N GLN B 43 -1.02 11.38 11.22
CA GLN B 43 -1.00 12.79 10.83
C GLN B 43 -0.27 12.99 9.52
N VAL B 44 0.84 12.26 9.33
CA VAL B 44 1.61 12.33 8.10
C VAL B 44 0.80 11.80 6.92
N GLU B 45 0.08 10.70 7.15
CA GLU B 45 -0.72 10.05 6.12
C GLU B 45 -1.84 10.93 5.57
N LYS B 46 -2.44 11.74 6.43
CA LYS B 46 -3.50 12.65 5.97
C LYS B 46 -2.90 13.80 5.18
N ASP B 47 -1.71 14.25 5.60
CA ASP B 47 -1.00 15.32 4.91
C ASP B 47 -0.64 14.88 3.49
N ILE B 48 -0.19 13.63 3.36
CA ILE B 48 0.16 13.07 2.06
C ILE B 48 -1.07 12.93 1.18
N LYS B 49 -2.16 12.43 1.76
CA LYS B 49 -3.42 12.27 1.04
C LYS B 49 -3.92 13.61 0.50
N ASN B 50 -3.69 14.68 1.26
CA ASN B 50 -4.10 16.00 0.85
C ASN B 50 -3.34 16.52 -0.37
N GLN B 51 -2.02 16.37 -0.35
CA GLN B 51 -1.18 16.82 -1.46
C GLN B 51 -1.51 16.06 -2.75
N ILE B 52 -1.72 14.76 -2.62
CA ILE B 52 -2.13 13.94 -3.75
C ILE B 52 -3.49 14.43 -4.26
N LEU B 53 -4.39 14.71 -3.31
CA LEU B 53 -5.71 15.23 -3.63
C LEU B 53 -5.61 16.61 -4.27
N LYS B 54 -4.78 17.47 -3.70
CA LYS B 54 -4.54 18.80 -4.26
C LYS B 54 -4.03 18.72 -5.69
N THR B 55 -2.99 17.93 -5.89
CA THR B 55 -2.40 17.73 -7.22
C THR B 55 -3.45 17.18 -8.19
N HIS B 56 -4.28 16.28 -7.69
CA HIS B 56 -5.38 15.71 -8.47
C HIS B 56 -6.31 16.84 -8.91
N ASN B 57 -6.59 17.75 -8.00
CA ASN B 57 -7.42 18.92 -8.28
C ASN B 57 -6.77 19.90 -9.26
N VAL B 58 -5.45 20.00 -9.21
CA VAL B 58 -4.70 20.89 -10.11
C VAL B 58 -4.86 20.51 -11.58
N LEU B 59 -4.91 19.21 -11.85
CA LEU B 59 -5.00 18.66 -13.21
C LEU B 59 -6.38 18.84 -13.83
N ARG B 60 -7.27 19.53 -13.12
CA ARG B 60 -8.63 19.82 -13.57
C ARG B 60 -8.69 20.69 -14.83
N ASN B 61 -7.64 21.46 -15.08
CA ASN B 61 -7.65 22.40 -16.19
C ASN B 61 -7.72 21.71 -17.55
N VAL B 62 -8.73 22.09 -18.33
CA VAL B 62 -8.96 21.51 -19.65
C VAL B 62 -9.39 22.59 -20.65
N HIS C 4 5.85 33.38 -39.44
CA HIS C 4 5.11 32.36 -38.72
C HIS C 4 5.09 31.05 -39.51
N ASP C 5 5.09 29.93 -38.81
CA ASP C 5 4.98 28.63 -39.46
C ASP C 5 3.66 27.98 -39.08
N CYS C 6 2.69 28.04 -39.98
CA CYS C 6 1.35 27.54 -39.68
C CYS C 6 1.33 26.02 -39.51
N ALA C 7 2.13 25.33 -40.32
CA ALA C 7 2.22 23.88 -40.26
C ALA C 7 2.88 23.37 -38.98
N LYS C 8 3.99 24.01 -38.59
CA LYS C 8 4.76 23.56 -37.43
C LYS C 8 4.06 23.85 -36.10
N VAL C 9 3.42 25.01 -36.01
CA VAL C 9 2.77 25.42 -34.76
C VAL C 9 1.53 24.57 -34.51
N ASP C 10 0.82 24.21 -35.58
CA ASP C 10 -0.33 23.33 -35.47
C ASP C 10 0.11 21.94 -35.04
N LEU C 11 1.25 21.51 -35.58
CA LEU C 11 1.82 20.21 -35.24
C LEU C 11 2.35 20.20 -33.80
N GLU C 12 2.96 21.31 -33.40
CA GLU C 12 3.47 21.45 -32.04
C GLU C 12 2.33 21.48 -31.02
N ASN C 13 1.25 22.16 -31.37
CA ASN C 13 0.07 22.21 -30.51
C ASN C 13 -0.54 20.82 -30.34
N ALA C 14 -0.50 20.04 -31.41
CA ALA C 14 -0.97 18.67 -31.36
C ALA C 14 -0.04 17.81 -30.51
N GLU C 15 1.25 18.15 -30.54
CA GLU C 15 2.25 17.44 -29.76
C GLU C 15 2.12 17.78 -28.27
N LEU C 16 1.87 19.05 -27.97
CA LEU C 16 1.72 19.49 -26.58
C LEU C 16 0.47 18.91 -25.94
N ARG C 17 -0.66 18.99 -26.65
CA ARG C 17 -1.92 18.47 -26.15
C ARG C 17 -1.88 16.96 -25.92
N ARG C 18 -1.30 16.23 -26.87
CA ARG C 18 -1.17 14.78 -26.77
C ARG C 18 -0.38 14.41 -25.52
N LYS C 19 0.77 15.05 -25.36
CA LYS C 19 1.63 14.81 -24.21
C LYS C 19 1.01 15.28 -22.91
N LEU C 20 0.23 16.35 -22.97
CA LEU C 20 -0.46 16.89 -21.80
C LEU C 20 -1.51 15.90 -21.29
N ILE C 21 -2.11 15.15 -22.20
CA ILE C 21 -3.11 14.15 -21.84
C ILE C 21 -2.46 12.92 -21.21
N ARG C 22 -1.32 12.51 -21.79
CA ARG C 22 -0.56 11.39 -21.27
C ARG C 22 -0.11 11.66 -19.85
N THR C 23 0.21 12.93 -19.58
CA THR C 23 0.66 13.35 -18.26
C THR C 23 -0.45 13.21 -17.22
N LYS C 24 -1.66 13.62 -17.58
CA LYS C 24 -2.79 13.54 -16.67
C LYS C 24 -3.18 12.10 -16.34
N ARG C 25 -3.21 11.25 -17.36
CA ARG C 25 -3.60 9.85 -17.19
C ARG C 25 -2.55 9.07 -16.42
N ALA C 26 -1.29 9.48 -16.54
CA ALA C 26 -0.21 8.86 -15.78
C ALA C 26 -0.40 9.09 -14.28
N PHE C 27 -0.84 10.30 -13.93
CA PHE C 27 -1.07 10.64 -12.52
C PHE C 27 -2.28 9.89 -11.97
N GLU C 28 -3.36 9.84 -12.75
CA GLU C 28 -4.57 9.11 -12.35
C GLU C 28 -4.24 7.67 -12.03
N ASP C 29 -3.43 7.05 -12.88
CA ASP C 29 -2.96 5.68 -12.67
C ASP C 29 -2.24 5.57 -11.33
N THR C 30 -1.34 6.50 -11.05
CA THR C 30 -0.61 6.54 -9.79
C THR C 30 -1.59 6.77 -8.63
N TYR C 31 -2.47 7.75 -8.78
CA TYR C 31 -3.48 8.07 -7.77
C TYR C 31 -4.31 6.83 -7.44
N GLU C 32 -4.78 6.15 -8.48
CA GLU C 32 -5.58 4.95 -8.32
C GLU C 32 -4.74 3.85 -7.67
N LYS C 33 -3.47 3.76 -8.09
CA LYS C 33 -2.53 2.78 -7.55
C LYS C 33 -2.21 3.01 -6.08
N LEU C 34 -2.00 4.27 -5.72
CA LEU C 34 -1.71 4.63 -4.33
C LEU C 34 -2.96 4.34 -3.50
N ARG C 35 -4.11 4.66 -4.09
CA ARG C 35 -5.40 4.40 -3.49
C ARG C 35 -5.61 2.92 -3.20
N MET C 36 -5.18 2.07 -4.13
CA MET C 36 -5.30 0.62 -3.96
C MET C 36 -4.37 0.13 -2.84
N ALA C 37 -3.19 0.73 -2.76
CA ALA C 37 -2.20 0.34 -1.76
C ALA C 37 -2.62 0.70 -0.34
N ASN C 38 -3.12 1.92 -0.15
CA ASN C 38 -3.54 2.37 1.18
C ASN C 38 -4.72 1.58 1.71
N LYS C 39 -5.68 1.29 0.84
CA LYS C 39 -6.87 0.52 1.21
C LYS C 39 -6.47 -0.90 1.55
N ALA C 40 -5.36 -1.36 0.96
CA ALA C 40 -4.85 -2.70 1.18
C ALA C 40 -4.29 -2.83 2.59
N LYS C 41 -3.58 -1.81 3.05
CA LYS C 41 -2.97 -1.87 4.37
C LYS C 41 -4.02 -1.61 5.45
N ALA C 42 -5.13 -1.01 5.04
CA ALA C 42 -6.24 -0.76 5.95
C ALA C 42 -6.85 -2.09 6.36
N GLN C 43 -6.97 -2.96 5.35
CA GLN C 43 -7.52 -4.31 5.51
C GLN C 43 -6.62 -5.20 6.37
N VAL C 44 -5.32 -5.00 6.25
CA VAL C 44 -4.35 -5.82 6.98
C VAL C 44 -4.54 -5.74 8.49
N GLU C 45 -4.79 -4.53 9.01
CA GLU C 45 -5.03 -4.35 10.43
C GLU C 45 -6.30 -5.08 10.85
N LYS C 46 -7.29 -5.09 9.96
CA LYS C 46 -8.56 -5.75 10.21
C LYS C 46 -8.45 -7.27 10.11
N ASP C 47 -7.62 -7.74 9.19
CA ASP C 47 -7.40 -9.17 8.98
C ASP C 47 -6.80 -9.85 10.21
N ILE C 48 -5.84 -9.20 10.85
CA ILE C 48 -5.20 -9.74 12.04
C ILE C 48 -6.18 -9.83 13.20
N LYS C 49 -6.99 -8.78 13.38
CA LYS C 49 -8.00 -8.75 14.44
C LYS C 49 -8.98 -9.91 14.26
N ASN C 50 -9.27 -10.24 13.01
CA ASN C 50 -10.14 -11.37 12.69
C ASN C 50 -9.47 -12.68 13.07
N GLN C 51 -8.18 -12.77 12.76
CA GLN C 51 -7.38 -13.96 13.06
C GLN C 51 -7.30 -14.22 14.57
N ILE C 52 -7.19 -13.14 15.34
CA ILE C 52 -7.19 -13.24 16.80
C ILE C 52 -8.51 -13.82 17.31
N LEU C 53 -9.62 -13.35 16.75
CA LEU C 53 -10.94 -13.82 17.13
C LEU C 53 -11.14 -15.30 16.79
N LYS C 54 -10.75 -15.68 15.58
CA LYS C 54 -10.84 -17.07 15.14
C LYS C 54 -10.06 -18.02 16.06
N THR C 55 -8.80 -17.69 16.30
CA THR C 55 -7.94 -18.51 17.17
C THR C 55 -8.52 -18.59 18.57
N HIS C 56 -9.05 -17.47 19.06
CA HIS C 56 -9.71 -17.43 20.37
C HIS C 56 -10.91 -18.36 20.44
N ASN C 57 -11.73 -18.35 19.40
CA ASN C 57 -12.91 -19.20 19.36
C ASN C 57 -12.54 -20.68 19.31
N VAL C 58 -11.45 -20.98 18.61
CA VAL C 58 -10.97 -22.36 18.52
C VAL C 58 -10.55 -22.86 19.91
N LEU C 59 -9.85 -22.00 20.64
CA LEU C 59 -9.37 -22.37 21.97
C LEU C 59 -10.48 -22.30 23.01
N ARG C 60 -11.63 -21.75 22.62
CA ARG C 60 -12.78 -21.69 23.50
C ARG C 60 -13.43 -23.07 23.61
N ASN C 61 -13.30 -23.84 22.52
CA ASN C 61 -13.93 -25.15 22.42
C ASN C 61 -13.25 -26.23 23.26
N VAL C 62 -13.06 -25.94 24.55
CA VAL C 62 -12.43 -26.89 25.46
C VAL C 62 -13.10 -26.86 26.82
N HIS D 4 -7.14 29.05 -41.22
CA HIS D 4 -6.29 29.03 -40.04
C HIS D 4 -6.32 30.39 -39.35
N ASP D 5 -6.22 30.40 -38.02
CA ASP D 5 -6.15 31.64 -37.25
C ASP D 5 -4.80 31.76 -36.56
N CYS D 6 -3.91 32.58 -37.10
CA CYS D 6 -2.55 32.69 -36.56
C CYS D 6 -2.51 33.30 -35.16
N ALA D 7 -3.38 34.27 -34.91
CA ALA D 7 -3.45 34.92 -33.61
C ALA D 7 -3.96 33.97 -32.53
N LYS D 8 -5.00 33.22 -32.85
CA LYS D 8 -5.65 32.35 -31.88
C LYS D 8 -4.79 31.12 -31.57
N VAL D 9 -4.13 30.57 -32.58
CA VAL D 9 -3.33 29.36 -32.41
C VAL D 9 -2.05 29.63 -31.61
N ASP D 10 -1.46 30.81 -31.80
CA ASP D 10 -0.26 31.20 -31.06
C ASP D 10 -0.59 31.41 -29.59
N LEU D 11 -1.75 31.98 -29.33
CA LEU D 11 -2.21 32.22 -27.96
C LEU D 11 -2.52 30.90 -27.27
N GLU D 12 -3.06 29.95 -28.02
CA GLU D 12 -3.35 28.62 -27.51
C GLU D 12 -2.06 27.89 -27.16
N ASN D 13 -1.04 28.07 -27.98
CA ASN D 13 0.27 27.47 -27.75
C ASN D 13 0.92 28.00 -26.47
N ALA D 14 0.72 29.28 -26.19
CA ALA D 14 1.23 29.88 -24.97
C ALA D 14 0.49 29.33 -23.75
N GLU D 15 -0.79 29.01 -23.94
CA GLU D 15 -1.61 28.44 -22.88
C GLU D 15 -1.20 27.01 -22.59
N LEU D 16 -0.86 26.27 -23.65
CA LEU D 16 -0.44 24.88 -23.50
C LEU D 16 0.87 24.80 -22.73
N ARG D 17 1.81 25.67 -23.06
CA ARG D 17 3.09 25.73 -22.36
C ARG D 17 2.86 26.07 -20.89
N ARG D 18 1.98 27.04 -20.64
CA ARG D 18 1.64 27.46 -19.29
C ARG D 18 1.09 26.31 -18.45
N LYS D 19 0.13 25.59 -19.02
CA LYS D 19 -0.51 24.48 -18.32
C LYS D 19 0.50 23.36 -18.07
N LEU D 20 1.42 23.17 -19.01
CA LEU D 20 2.46 22.16 -18.86
C LEU D 20 3.39 22.47 -17.71
N ILE D 21 3.59 23.76 -17.44
CA ILE D 21 4.45 24.19 -16.34
C ILE D 21 3.76 23.99 -14.99
N ARG D 22 2.46 24.30 -14.94
CA ARG D 22 1.68 24.14 -13.73
C ARG D 22 1.64 22.69 -13.26
N THR D 23 1.56 21.76 -14.22
CA THR D 23 1.55 20.33 -13.91
C THR D 23 2.90 19.88 -13.37
N LYS D 24 3.96 20.39 -13.97
CA LYS D 24 5.32 20.05 -13.56
C LYS D 24 5.58 20.51 -12.13
N ARG D 25 5.16 21.73 -11.84
CA ARG D 25 5.35 22.30 -10.51
C ARG D 25 4.44 21.61 -9.49
N ALA D 26 3.28 21.15 -9.95
CA ALA D 26 2.36 20.40 -9.10
C ALA D 26 2.98 19.07 -8.69
N PHE D 27 3.67 18.43 -9.63
CA PHE D 27 4.35 17.17 -9.35
C PHE D 27 5.54 17.40 -8.43
N GLU D 28 6.31 18.43 -8.73
CA GLU D 28 7.47 18.81 -7.91
C GLU D 28 7.04 19.09 -6.47
N ASP D 29 5.96 19.84 -6.30
CA ASP D 29 5.40 20.12 -4.99
C ASP D 29 5.03 18.84 -4.24
N THR D 30 4.33 17.95 -4.93
CA THR D 30 3.92 16.68 -4.34
C THR D 30 5.12 15.81 -3.97
N TYR D 31 6.02 15.62 -4.92
CA TYR D 31 7.23 14.82 -4.70
C TYR D 31 8.05 15.34 -3.52
N GLU D 32 8.28 16.64 -3.51
CA GLU D 32 9.07 17.27 -2.45
C GLU D 32 8.37 17.14 -1.09
N LYS D 33 7.05 17.35 -1.09
CA LYS D 33 6.26 17.21 0.12
C LYS D 33 6.20 15.76 0.60
N LEU D 34 6.00 14.85 -0.34
CA LEU D 34 5.92 13.42 -0.04
C LEU D 34 7.23 12.82 0.44
N ARG D 35 8.34 13.20 -0.20
CA ARG D 35 9.65 12.70 0.20
C ARG D 35 9.98 13.10 1.64
N MET D 36 9.67 14.35 1.99
CA MET D 36 9.88 14.82 3.35
C MET D 36 8.93 14.14 4.32
N ALA D 37 7.72 13.86 3.84
CA ALA D 37 6.71 13.19 4.65
C ALA D 37 7.13 11.76 4.96
N ASN D 38 7.67 11.08 3.95
CA ASN D 38 8.12 9.70 4.10
C ASN D 38 9.27 9.54 5.08
N LYS D 39 10.20 10.48 5.08
CA LYS D 39 11.37 10.40 5.95
C LYS D 39 11.03 10.50 7.44
N ALA D 40 9.96 11.21 7.78
CA ALA D 40 9.55 11.35 9.17
C ALA D 40 8.94 10.06 9.70
N LYS D 41 8.06 9.47 8.90
CA LYS D 41 7.35 8.24 9.26
C LYS D 41 8.17 6.98 9.00
N ALA D 42 9.32 7.14 8.35
CA ALA D 42 10.17 6.02 7.94
C ALA D 42 10.62 5.12 9.11
N GLN D 43 10.95 5.72 10.25
CA GLN D 43 11.37 4.93 11.39
C GLN D 43 10.23 4.04 11.89
N VAL D 44 9.01 4.58 11.84
CA VAL D 44 7.82 3.85 12.24
C VAL D 44 7.60 2.64 11.32
N GLU D 45 7.84 2.85 10.03
CA GLU D 45 7.65 1.81 9.02
C GLU D 45 8.54 0.59 9.25
N LYS D 46 9.75 0.82 9.75
CA LYS D 46 10.65 -0.29 10.06
C LYS D 46 10.20 -1.00 11.33
N ASP D 47 9.67 -0.23 12.28
CA ASP D 47 9.16 -0.81 13.52
C ASP D 47 8.00 -1.76 13.23
N ILE D 48 7.12 -1.34 12.32
CA ILE D 48 5.99 -2.15 11.91
C ILE D 48 6.43 -3.39 11.13
N LYS D 49 7.34 -3.17 10.18
CA LYS D 49 7.89 -4.25 9.36
C LYS D 49 8.60 -5.31 10.20
N ASN D 50 9.27 -4.88 11.25
CA ASN D 50 9.96 -5.81 12.15
C ASN D 50 9.01 -6.70 12.94
N GLN D 51 7.93 -6.11 13.46
CA GLN D 51 6.94 -6.87 14.21
C GLN D 51 6.27 -7.91 13.32
N ILE D 52 5.99 -7.53 12.08
CA ILE D 52 5.45 -8.45 11.10
C ILE D 52 6.46 -9.56 10.85
N LEU D 53 7.73 -9.17 10.74
CA LEU D 53 8.82 -10.12 10.54
C LEU D 53 8.96 -11.07 11.72
N LYS D 54 8.86 -10.52 12.93
CA LYS D 54 8.91 -11.33 14.14
C LYS D 54 7.81 -12.39 14.14
N THR D 55 6.58 -11.95 13.90
CA THR D 55 5.43 -12.84 13.85
C THR D 55 5.62 -13.91 12.78
N HIS D 56 6.18 -13.51 11.64
CA HIS D 56 6.49 -14.44 10.56
C HIS D 56 7.47 -15.51 11.06
N ASN D 57 8.49 -15.07 11.79
CA ASN D 57 9.47 -15.98 12.36
C ASN D 57 8.91 -16.88 13.46
N VAL D 58 7.98 -16.35 14.25
CA VAL D 58 7.34 -17.11 15.31
C VAL D 58 6.54 -18.28 14.74
N LEU D 59 5.86 -18.04 13.63
CA LEU D 59 5.01 -19.03 12.97
C LEU D 59 5.82 -20.12 12.26
N ARG D 60 7.14 -20.03 12.32
CA ARG D 60 8.00 -21.03 11.70
C ARG D 60 7.84 -22.40 12.38
N ASN D 61 7.57 -22.38 13.68
CA ASN D 61 7.41 -23.63 14.42
C ASN D 61 6.05 -24.27 14.13
#